data_7XV1
#
_entry.id   7XV1
#
_cell.length_a   50.333
_cell.length_b   50.333
_cell.length_c   126.481
_cell.angle_alpha   90.000
_cell.angle_beta   90.000
_cell.angle_gamma   90.000
#
_symmetry.space_group_name_H-M   'P 41 21 2'
#
loop_
_entity.id
_entity.type
_entity.pdbx_description
1 polymer 'Replication protein A 70 kDa DNA-binding subunit'
2 polymer 'DNA helicase B'
3 water water
#
loop_
_entity_poly.entity_id
_entity_poly.type
_entity_poly.pdbx_seq_one_letter_code
_entity_poly.pdbx_strand_id
1 'polypeptide(L)'
;MVGQLSEGAIAAIMQKGDTNIKPILQVINIRPITTGNSPPRYRLLMSDGLNTLSSFMLATQLNPLVEEEQLSSNCVCQIH
RFIVNTLKDGRRVVILMELEVLKSAEAVGVKIGNPVPYNE
;
A
2 'polypeptide(L)' GTSSGEEREVKKACEDFEQDQNASEEWIT B
#
# COMPACT_ATOMS: atom_id res chain seq x y z
N MET A 1 1.12 -17.52 -9.44
CA MET A 1 2.03 -18.21 -8.49
C MET A 1 2.48 -17.24 -7.40
N VAL A 2 2.52 -17.69 -6.15
CA VAL A 2 2.97 -16.84 -4.99
C VAL A 2 4.46 -16.59 -5.14
N GLY A 3 5.15 -17.39 -5.98
CA GLY A 3 6.59 -17.21 -6.26
C GLY A 3 6.86 -15.89 -6.94
N GLN A 4 5.81 -15.29 -7.52
CA GLN A 4 5.96 -13.97 -8.17
C GLN A 4 5.98 -12.83 -7.14
N LEU A 5 5.54 -13.07 -5.90
CA LEU A 5 5.46 -11.95 -4.95
C LEU A 5 6.45 -12.14 -3.80
N SER A 6 6.76 -11.02 -3.15
CA SER A 6 7.78 -10.95 -2.10
C SER A 6 7.23 -11.48 -0.77
N GLU A 7 7.06 -12.80 -0.71
CA GLU A 7 6.42 -13.41 0.45
C GLU A 7 7.24 -13.11 1.69
N GLY A 8 6.56 -12.54 2.70
CA GLY A 8 7.19 -12.16 3.94
C GLY A 8 7.56 -10.70 4.04
N ALA A 9 7.40 -9.92 2.97
CA ALA A 9 7.73 -8.50 3.02
C ALA A 9 6.81 -7.75 3.98
N ILE A 10 5.53 -8.12 4.00
CA ILE A 10 4.61 -7.39 4.89
C ILE A 10 4.97 -7.65 6.35
N ALA A 11 5.25 -8.90 6.69
CA ALA A 11 5.71 -9.21 8.04
C ALA A 11 6.99 -8.45 8.38
N ALA A 12 7.88 -8.30 7.40
CA ALA A 12 9.15 -7.63 7.68
C ALA A 12 8.94 -6.14 7.92
N ILE A 13 8.06 -5.51 7.14
CA ILE A 13 7.75 -4.12 7.39
C ILE A 13 7.08 -3.96 8.74
N MET A 14 6.17 -4.87 9.08
CA MET A 14 5.38 -4.70 10.28
C MET A 14 6.23 -4.93 11.52
N GLN A 15 7.22 -5.83 11.44
CA GLN A 15 8.04 -6.16 12.60
C GLN A 15 9.36 -5.39 12.63
N LYS A 16 10.10 -5.33 11.52
CA LYS A 16 11.40 -4.65 11.51
C LYS A 16 11.33 -3.19 11.08
N GLY A 17 10.30 -2.80 10.35
CA GLY A 17 10.17 -1.42 9.89
C GLY A 17 11.21 -0.96 8.90
N ASP A 18 12.01 -1.88 8.34
CA ASP A 18 13.11 -1.44 7.43
C ASP A 18 12.54 -1.03 6.07
N THR A 19 13.07 0.05 5.50
CA THR A 19 12.59 0.56 4.19
C THR A 19 13.58 0.21 3.08
N ASN A 20 14.63 -0.55 3.40
CA ASN A 20 15.69 -0.82 2.39
C ASN A 20 15.32 -2.04 1.54
N ILE A 21 14.02 -2.34 1.38
CA ILE A 21 13.61 -3.43 0.50
C ILE A 21 12.81 -2.85 -0.65
N LYS A 22 12.84 -3.59 -1.79
CA LYS A 22 12.07 -3.22 -3.00
C LYS A 22 11.05 -4.36 -3.22
N PRO A 23 10.01 -4.57 -2.37
CA PRO A 23 9.15 -5.75 -2.47
C PRO A 23 8.23 -5.69 -3.67
N ILE A 24 7.94 -6.86 -4.22
CA ILE A 24 6.96 -7.03 -5.29
C ILE A 24 5.65 -7.49 -4.66
N LEU A 25 4.59 -6.71 -4.87
CA LEU A 25 3.30 -6.88 -4.21
C LEU A 25 2.18 -6.87 -5.24
N GLN A 26 1.05 -7.47 -4.90
CA GLN A 26 -0.15 -7.36 -5.71
C GLN A 26 -1.16 -6.42 -5.06
N VAL A 27 -1.71 -5.49 -5.85
CA VAL A 27 -2.81 -4.66 -5.36
C VAL A 27 -4.07 -5.51 -5.29
N ILE A 28 -4.69 -5.56 -4.12
CA ILE A 28 -5.96 -6.27 -3.99
C ILE A 28 -7.15 -5.34 -4.17
N ASN A 29 -7.11 -4.15 -3.56
CA ASN A 29 -8.20 -3.21 -3.67
C ASN A 29 -7.64 -1.82 -3.43
N ILE A 30 -8.34 -0.82 -3.95
CA ILE A 30 -7.97 0.58 -3.80
C ILE A 30 -9.20 1.34 -3.34
N ARG A 31 -9.02 2.24 -2.38
CA ARG A 31 -10.20 3.02 -2.09
C ARG A 31 -9.84 4.49 -1.91
N PRO A 32 -10.64 5.39 -2.47
CA PRO A 32 -10.34 6.81 -2.35
C PRO A 32 -10.84 7.34 -1.02
N ILE A 33 -10.17 8.37 -0.53
CA ILE A 33 -10.55 9.07 0.73
C ILE A 33 -10.62 10.57 0.39
N THR A 34 -11.70 11.27 0.80
CA THR A 34 -11.83 12.69 0.52
C THR A 34 -12.11 13.45 1.82
N SER A 38 -10.44 19.14 -2.19
CA SER A 38 -9.23 18.41 -1.83
C SER A 38 -8.98 17.21 -2.75
N PRO A 39 -7.73 17.00 -3.15
CA PRO A 39 -7.42 15.85 -4.00
C PRO A 39 -7.83 14.56 -3.32
N PRO A 40 -8.29 13.58 -4.08
CA PRO A 40 -8.50 12.25 -3.49
C PRO A 40 -7.16 11.64 -3.09
N ARG A 41 -7.14 11.06 -1.90
CA ARG A 41 -5.98 10.31 -1.42
C ARG A 41 -6.34 8.83 -1.51
N TYR A 42 -5.42 8.01 -2.00
CA TYR A 42 -5.73 6.61 -2.23
C TYR A 42 -5.11 5.75 -1.14
N ARG A 43 -5.92 4.82 -0.65
CA ARG A 43 -5.54 3.81 0.34
C ARG A 43 -5.57 2.45 -0.35
N LEU A 44 -4.54 1.63 -0.15
CA LEU A 44 -4.40 0.38 -0.87
C LEU A 44 -4.39 -0.81 0.07
N LEU A 45 -5.08 -1.87 -0.34
CA LEU A 45 -4.96 -3.19 0.28
C LEU A 45 -4.03 -4.03 -0.60
N MET A 46 -2.85 -4.37 -0.10
CA MET A 46 -1.86 -5.10 -0.88
C MET A 46 -1.57 -6.47 -0.30
N SER A 47 -1.07 -7.33 -1.18
CA SER A 47 -0.70 -8.68 -0.85
C SER A 47 0.77 -8.91 -1.20
N ASP A 48 1.48 -9.62 -0.32
CA ASP A 48 2.78 -10.16 -0.69
C ASP A 48 2.72 -11.65 -0.97
N GLY A 49 1.52 -12.20 -1.18
CA GLY A 49 1.30 -13.60 -1.46
C GLY A 49 1.03 -14.43 -0.23
N LEU A 50 1.54 -14.00 0.92
CA LEU A 50 1.33 -14.65 2.21
C LEU A 50 0.32 -13.89 3.07
N ASN A 51 0.48 -12.57 3.17
CA ASN A 51 -0.37 -11.72 3.98
C ASN A 51 -0.94 -10.59 3.13
N THR A 52 -2.04 -10.01 3.61
CA THR A 52 -2.50 -8.74 3.08
C THR A 52 -2.38 -7.70 4.19
N LEU A 53 -2.33 -6.44 3.78
CA LEU A 53 -2.28 -5.36 4.76
C LEU A 53 -2.95 -4.16 4.09
N SER A 54 -3.79 -3.45 4.84
CA SER A 54 -4.57 -2.35 4.25
C SER A 54 -4.11 -0.96 4.68
N SER A 55 -2.95 -0.83 5.33
CA SER A 55 -2.50 0.48 5.76
C SER A 55 -1.46 1.07 4.81
N PHE A 56 -1.57 0.74 3.51
CA PHE A 56 -0.77 1.41 2.49
C PHE A 56 -1.51 2.66 2.03
N MET A 57 -0.80 3.78 2.01
CA MET A 57 -1.27 5.05 1.47
C MET A 57 -0.40 5.49 0.29
N LEU A 58 -1.05 5.92 -0.78
CA LEU A 58 -0.34 6.36 -1.97
C LEU A 58 0.05 7.83 -1.83
N ALA A 59 1.31 8.14 -2.07
CA ALA A 59 1.74 9.53 -2.23
C ALA A 59 0.97 10.20 -3.36
N THR A 60 0.68 11.48 -3.18
CA THR A 60 -0.16 12.16 -4.18
C THR A 60 0.54 12.25 -5.53
N GLN A 61 1.87 12.24 -5.56
CA GLN A 61 2.62 12.26 -6.82
C GLN A 61 2.30 11.06 -7.69
N LEU A 62 1.86 9.96 -7.10
CA LEU A 62 1.53 8.73 -7.80
C LEU A 62 0.06 8.65 -8.21
N ASN A 63 -0.74 9.63 -7.86
CA ASN A 63 -2.17 9.60 -8.20
C ASN A 63 -2.43 9.38 -9.68
N PRO A 64 -1.64 9.93 -10.62
CA PRO A 64 -1.89 9.63 -12.03
C PRO A 64 -1.86 8.14 -12.39
N LEU A 65 -1.11 7.31 -11.67
CA LEU A 65 -1.13 5.88 -11.98
C LEU A 65 -2.51 5.29 -11.73
N VAL A 66 -3.23 5.81 -10.73
CA VAL A 66 -4.53 5.26 -10.39
C VAL A 66 -5.59 5.86 -11.29
N GLU A 67 -5.50 7.16 -11.54
CA GLU A 67 -6.49 7.86 -12.34
C GLU A 67 -6.42 7.43 -13.80
N GLU A 68 -5.23 6.99 -14.24
CA GLU A 68 -5.06 6.45 -15.63
C GLU A 68 -5.24 4.94 -15.60
N GLU A 69 -5.55 4.37 -14.43
CA GLU A 69 -5.85 2.94 -14.25
C GLU A 69 -4.68 2.03 -14.57
N GLN A 70 -3.45 2.55 -14.53
CA GLN A 70 -2.28 1.69 -14.62
C GLN A 70 -2.08 0.90 -13.32
N LEU A 71 -2.24 1.58 -12.19
CA LEU A 71 -2.30 0.94 -10.88
C LEU A 71 -3.77 0.69 -10.55
N SER A 72 -4.18 -0.58 -10.58
CA SER A 72 -5.57 -0.96 -10.34
C SER A 72 -5.59 -2.35 -9.72
N SER A 73 -6.76 -2.73 -9.21
CA SER A 73 -6.87 -4.01 -8.49
C SER A 73 -6.41 -5.16 -9.37
N ASN A 74 -5.58 -6.02 -8.77
CA ASN A 74 -4.95 -7.23 -9.27
C ASN A 74 -3.65 -6.96 -10.01
N CYS A 75 -3.25 -5.72 -10.23
CA CYS A 75 -1.95 -5.52 -10.87
C CYS A 75 -0.85 -5.88 -9.89
N VAL A 76 0.34 -6.12 -10.44
CA VAL A 76 1.52 -6.44 -9.64
C VAL A 76 2.50 -5.29 -9.81
N CYS A 77 3.02 -4.78 -8.68
CA CYS A 77 3.91 -3.64 -8.73
C CYS A 77 5.11 -3.88 -7.83
N GLN A 78 6.18 -3.14 -8.10
CA GLN A 78 7.37 -3.19 -7.29
C GLN A 78 7.56 -1.84 -6.61
N ILE A 79 7.75 -1.86 -5.31
CA ILE A 79 7.91 -0.62 -4.56
C ILE A 79 9.38 -0.22 -4.61
N HIS A 80 9.65 1.00 -5.05
CA HIS A 80 11.02 1.50 -5.09
C HIS A 80 11.36 2.46 -3.98
N ARG A 81 10.37 3.08 -3.34
CA ARG A 81 10.66 3.90 -2.17
C ARG A 81 9.40 4.04 -1.34
N PHE A 82 9.54 3.79 -0.04
CA PHE A 82 8.38 3.89 0.87
C PHE A 82 8.83 4.44 2.22
N ILE A 83 7.88 5.00 2.97
CA ILE A 83 8.14 5.55 4.29
C ILE A 83 7.23 4.82 5.25
N VAL A 84 7.77 4.42 6.41
CA VAL A 84 6.97 3.80 7.47
C VAL A 84 6.70 4.84 8.54
N ASN A 85 5.46 4.92 9.01
CA ASN A 85 5.14 5.78 10.14
C ASN A 85 4.37 4.95 11.15
N THR A 86 4.85 4.89 12.38
CA THR A 86 4.25 4.07 13.41
C THR A 86 3.32 4.91 14.29
N LEU A 87 2.06 4.52 14.38
CA LEU A 87 1.09 5.33 15.11
C LEU A 87 1.17 5.07 16.61
N LYS A 88 0.55 5.98 17.37
CA LYS A 88 0.47 5.92 18.83
C LYS A 88 0.08 4.53 19.32
N ASP A 89 -0.87 3.90 18.63
CA ASP A 89 -1.45 2.64 19.06
C ASP A 89 -0.69 1.42 18.54
N GLY A 90 0.36 1.60 17.74
CA GLY A 90 1.19 0.51 17.30
C GLY A 90 0.99 0.10 15.85
N ARG A 91 -0.11 0.52 15.21
CA ARG A 91 -0.25 0.26 13.79
C ARG A 91 0.84 0.99 13.00
N ARG A 92 1.25 0.40 11.89
CA ARG A 92 2.24 1.03 11.02
C ARG A 92 1.59 1.39 9.70
N VAL A 93 1.70 2.66 9.31
CA VAL A 93 1.23 3.12 8.00
C VAL A 93 2.40 3.09 7.02
N VAL A 94 2.16 2.57 5.83
CA VAL A 94 3.19 2.51 4.79
C VAL A 94 2.81 3.50 3.70
N ILE A 95 3.61 4.54 3.52
CA ILE A 95 3.33 5.57 2.51
C ILE A 95 4.21 5.26 1.30
N LEU A 96 3.57 4.91 0.19
CA LEU A 96 4.28 4.52 -1.02
C LEU A 96 4.64 5.78 -1.81
N MET A 97 5.94 6.04 -1.94
CA MET A 97 6.47 7.22 -2.65
C MET A 97 6.79 6.97 -4.12
N GLU A 98 7.38 5.82 -4.44
CA GLU A 98 7.81 5.50 -5.79
C GLU A 98 7.53 4.03 -6.06
N LEU A 99 6.96 3.73 -7.22
CA LEU A 99 6.65 2.34 -7.54
C LEU A 99 6.57 2.21 -9.05
N GLU A 100 6.77 0.96 -9.51
CA GLU A 100 6.66 0.65 -10.96
C GLU A 100 5.66 -0.50 -11.09
N VAL A 101 4.64 -0.35 -11.94
CA VAL A 101 3.72 -1.44 -12.19
C VAL A 101 4.42 -2.43 -13.12
N LEU A 102 4.58 -3.66 -12.65
CA LEU A 102 5.29 -4.66 -13.44
C LEU A 102 4.37 -5.42 -14.38
N LYS A 103 3.14 -5.68 -13.94
CA LYS A 103 2.22 -6.46 -14.75
C LYS A 103 0.83 -5.90 -14.50
N SER A 104 0.11 -5.61 -15.58
CA SER A 104 -1.17 -4.93 -15.45
C SER A 104 -2.22 -5.86 -14.84
N ALA A 105 -3.30 -5.27 -14.35
CA ALA A 105 -4.43 -6.06 -13.86
C ALA A 105 -4.97 -7.00 -14.92
N GLU A 106 -5.05 -6.50 -16.16
CA GLU A 106 -5.58 -7.33 -17.27
C GLU A 106 -4.68 -8.56 -17.45
N ALA A 107 -3.38 -8.39 -17.34
CA ALA A 107 -2.46 -9.49 -17.59
C ALA A 107 -2.49 -10.51 -16.45
N VAL A 108 -2.58 -10.04 -15.21
CA VAL A 108 -2.62 -10.94 -14.06
C VAL A 108 -3.95 -11.65 -13.97
N GLY A 109 -5.04 -10.89 -14.05
CA GLY A 109 -6.38 -11.44 -14.15
C GLY A 109 -7.08 -11.72 -12.83
N VAL A 110 -6.34 -12.08 -11.79
CA VAL A 110 -6.94 -12.64 -10.58
C VAL A 110 -6.01 -12.43 -9.40
N LYS A 111 -6.58 -12.47 -8.20
CA LYS A 111 -5.79 -12.53 -6.97
C LYS A 111 -4.85 -13.73 -6.97
N ILE A 112 -3.60 -13.50 -6.60
CA ILE A 112 -2.59 -14.54 -6.58
C ILE A 112 -2.63 -15.24 -5.22
N GLY A 113 -2.91 -16.54 -5.24
CA GLY A 113 -2.86 -17.25 -3.97
C GLY A 113 -4.02 -16.94 -3.05
N ASN A 114 -3.82 -17.27 -1.77
CA ASN A 114 -4.83 -17.06 -0.74
C ASN A 114 -4.22 -16.36 0.46
N PRO A 115 -3.71 -15.13 0.28
CA PRO A 115 -3.10 -14.43 1.41
C PRO A 115 -4.11 -14.14 2.49
N VAL A 116 -3.63 -14.00 3.72
CA VAL A 116 -4.51 -13.75 4.86
C VAL A 116 -4.14 -12.43 5.53
N PRO A 117 -5.10 -11.71 6.12
CA PRO A 117 -4.79 -10.42 6.74
C PRO A 117 -3.72 -10.54 7.82
N TYR A 118 -2.75 -9.63 7.76
CA TYR A 118 -1.73 -9.54 8.79
C TYR A 118 -2.38 -9.22 10.13
N ASN A 119 -2.08 -10.01 11.14
CA ASN A 119 -2.74 -9.84 12.43
C ASN A 119 -1.80 -8.99 13.27
N GLU A 120 -2.16 -7.72 13.38
CA GLU A 120 -1.31 -6.68 13.92
C GLU A 120 -0.74 -6.99 15.31
N GLY B 1 8.91 18.17 -3.57
CA GLY B 1 9.71 17.04 -3.15
C GLY B 1 10.72 17.39 -2.09
N THR B 2 10.54 18.53 -1.42
CA THR B 2 11.45 18.86 -0.33
C THR B 2 11.24 17.90 0.85
N SER B 3 12.23 17.92 1.76
CA SER B 3 12.16 17.04 2.93
C SER B 3 10.97 17.41 3.82
N SER B 4 10.75 18.70 4.04
CA SER B 4 9.64 19.15 4.87
C SER B 4 8.31 18.91 4.18
N GLY B 5 8.27 19.07 2.86
CA GLY B 5 7.06 18.77 2.13
C GLY B 5 6.67 17.31 2.25
N GLU B 6 7.66 16.42 2.14
CA GLU B 6 7.38 15.00 2.29
C GLU B 6 6.90 14.69 3.70
N GLU B 7 7.51 15.33 4.72
CA GLU B 7 7.07 15.10 6.10
C GLU B 7 5.61 15.51 6.30
N ARG B 8 5.21 16.65 5.74
CA ARG B 8 3.82 17.09 5.86
C ARG B 8 2.88 16.09 5.18
N GLU B 9 3.28 15.54 4.04
CA GLU B 9 2.43 14.59 3.32
C GLU B 9 2.31 13.28 4.08
N VAL B 10 3.40 12.83 4.70
CA VAL B 10 3.36 11.62 5.51
C VAL B 10 2.40 11.81 6.68
N LYS B 11 2.48 12.96 7.35
CA LYS B 11 1.54 13.23 8.44
C LYS B 11 0.11 13.26 7.94
N LYS B 12 -0.13 13.90 6.79
CA LYS B 12 -1.49 13.99 6.27
C LYS B 12 -2.01 12.60 5.88
N ALA B 13 -1.18 11.79 5.22
CA ALA B 13 -1.60 10.44 4.86
C ALA B 13 -1.94 9.63 6.11
N CYS B 14 -1.24 9.88 7.21
CA CYS B 14 -1.51 9.13 8.43
C CYS B 14 -2.82 9.58 9.06
N GLU B 15 -3.10 10.88 9.07
CA GLU B 15 -4.39 11.36 9.56
C GLU B 15 -5.53 10.88 8.67
N ASP B 16 -5.30 10.86 7.36
CA ASP B 16 -6.29 10.33 6.42
C ASP B 16 -6.63 8.87 6.76
N PHE B 17 -5.60 8.09 7.06
CA PHE B 17 -5.77 6.69 7.44
C PHE B 17 -6.52 6.57 8.77
N GLU B 18 -6.12 7.33 9.76
CA GLU B 18 -6.72 7.21 11.12
C GLU B 18 -8.20 7.57 11.08
N GLN B 19 -8.60 8.51 10.22
CA GLN B 19 -10.01 8.98 10.23
C GLN B 19 -10.87 8.17 9.26
N ASP B 20 -10.30 7.14 8.61
CA ASP B 20 -11.03 6.36 7.61
C ASP B 20 -11.87 5.25 8.24
N GLN B 21 -12.78 5.64 9.13
CA GLN B 21 -13.50 4.63 9.90
C GLN B 21 -14.75 4.09 9.19
N ASN B 22 -15.27 4.76 8.17
CA ASN B 22 -16.50 4.31 7.52
C ASN B 22 -16.23 3.47 6.28
N ALA B 23 -15.20 2.65 6.32
CA ALA B 23 -14.88 1.71 5.25
C ALA B 23 -15.47 0.33 5.56
N SER B 24 -15.57 -0.51 4.54
CA SER B 24 -16.17 -1.84 4.72
C SER B 24 -15.21 -2.74 5.52
N GLU B 25 -15.63 -3.98 5.77
CA GLU B 25 -14.96 -4.80 6.78
C GLU B 25 -13.52 -5.14 6.40
N GLU B 26 -13.23 -5.30 5.11
CA GLU B 26 -11.88 -5.67 4.70
C GLU B 26 -10.85 -4.58 5.05
N TRP B 27 -11.30 -3.37 5.34
CA TRP B 27 -10.40 -2.26 5.67
C TRP B 27 -10.20 -2.07 7.18
N ILE B 28 -10.87 -2.86 8.02
CA ILE B 28 -10.74 -2.68 9.46
C ILE B 28 -9.32 -3.03 9.87
N THR B 29 -8.71 -2.18 10.71
CA THR B 29 -7.33 -2.43 11.19
C THR B 29 -7.27 -2.44 12.73
#